data_7CWO
#
_entry.id   7CWO
#
_cell.length_a   1.00
_cell.length_b   1.00
_cell.length_c   1.00
_cell.angle_alpha   90.00
_cell.angle_beta   90.00
_cell.angle_gamma   90.00
#
_symmetry.space_group_name_H-M   'P 1'
#
loop_
_entity.id
_entity.type
_entity.pdbx_description
1 polymer 'Spike glycoprotein'
2 polymer 'heavy chain of P17 Fab'
3 polymer 'light chain of P17 Fab'
#
loop_
_entity_poly.entity_id
_entity_poly.type
_entity_poly.pdbx_seq_one_letter_code
_entity_poly.pdbx_strand_id
1 'polypeptide(L)'
;MFVFLVLLPLVSSQCVNLTTRTQLPPAYTNSFTRGVYYPDKVFRSSVLHSTQDLFLPFFSNVTWFHAIHVSGTNGTKRFD
NPVLPFNDGVYFASTEKSNIIRGWIFGTTLDSKTQSLLIVNNATNVVIKVCEFQFCNDPFLGVYYHKNNKSWMESEFRVY
SSANNCTFEYVSQPFLMDLEGKQGNFKNLREFVFKNIDGYFKIYSKHTPINLVRDLPQGFSALEPLVDLPIGINITRFQT
LLALHRSYLTPGDSSSGWTAGAAAYYVGYLQPRTFLLKYNENGTITDAVDCALDPLSETKCTLKSFTVEKGIYQTSNFRV
QPTESIVRFPNITNLCPFGEVFNATRFASVYAWNRKRISNCVADYSVLYNSASFSTFKCYGVSPTKLNDLCFTNVYADSF
VIRGDEVRQIAPGQTGKIADYNYKLPDDFTGCVIAWNSNNLDSKVGGNYNYLYRLFRKSNLKPFERDISTEIYQAGSTPC
NGVEGFNCYFPLQSYGFQPTNGVGYQPYRVVVLSFELLHAPATVCGPKKSTNLVKNKCVNFNFNGLTGTGVLTESNKKFL
PFQQFGRDIADTTDAVRDPQTLEILDITPCSFGGVSVITPGTNTSNQVAVLYQDVNCTEVPVAIHADQLTPTWRVYSTGS
NVFQTRAGCLIGAEHVNNSYECDIPIGAGICASYQTQTNSPRRARSVASQSIIAYTMSLGAENSVAYSNNSIAIPTNFTI
SVTTEILPVSMTKTSVDCTMYICGDSTECSNLLLQYGSFCTQLNRALTGIAVEQDKNTQEVFAQVKQIYKTPPIKDFGGF
NFSQILPDPSKPSKRSFIEDLLFNKVTLADAGFIKQYGDCLGDIAARDLICAQKFNGLTVLPPLLTDEMIAQYTSALLAG
TITSGWTFGAGAALQIPFAMQMAYRFNGIGVTQNVLYENQKLIANQFNSAIGKIQDSLSSTASALGKLQDVVNQNAQALN
TLVKQLSSNFGAISSVLNDILSRLDKVEAEVQIDRLITGRLQSLQTYVTQQLIRAAEIRASANLAATKMSECVLGQSKRV
DFCGKGYHLMSFPQSAPHGVVFLHVTYVPAQEKNFTTAPAICHDGKAHFPREGVFVSNGTHWFVTQRNFYEPQIITTDNT
FVSGNCDVVIGIVNNTVYDPLQPELDSFKEELDKYFKNHTSPDVDLGDISGINASVVNIQKEIDRLNEVAKNLNESLIDL
QELGKYEQYIKWPWYIWLGFIAGLIAIVMVTIMLCCMTSCCSCLKGCCSCGSCCKFDEDDSEPVLKGVKLHYT
;
A
2 'polypeptide(L)'
;QQLVESGGGVVQPGRSLRLSCAASGFTFSSYAMHWVRQAPGKGLEWVAVISYDGSNKYYADSVKGRFTISRDNSKNTLYL
QMNSLRAEDTAVYYCARHATLMNNKDIWGQGTLVTVSSAS
;
H
3 'polypeptide(L)'
;GDIQLTQSPSSLSASVGDRVTITCRASQSISSYLNWYQQKPGKAPKLLIYAASSLQSGVPSRFSGSGSGTDFTLTISSLQ
PEDFATYYCQQSYSTPRTFGQGTKVEIK
;
L
#
# COMPACT_ATOMS: atom_id res chain seq x y z
N ASN A 334 -22.45 -7.27 -35.82
CA ASN A 334 -21.24 -6.71 -35.21
C ASN A 334 -20.20 -7.78 -34.98
N LEU A 335 -19.34 -7.53 -34.01
CA LEU A 335 -18.44 -8.51 -33.43
C LEU A 335 -18.23 -8.13 -31.97
N CYS A 336 -18.09 -9.13 -31.12
CA CYS A 336 -17.88 -8.84 -29.71
C CYS A 336 -16.41 -8.67 -29.43
N PRO A 337 -16.00 -7.68 -28.60
CA PRO A 337 -14.60 -7.30 -28.46
C PRO A 337 -13.75 -8.26 -27.63
N PHE A 338 -13.70 -9.52 -28.05
CA PHE A 338 -12.89 -10.50 -27.34
C PHE A 338 -11.42 -10.34 -27.68
N GLY A 339 -11.13 -9.72 -28.83
CA GLY A 339 -9.78 -9.31 -29.10
C GLY A 339 -9.39 -8.08 -28.30
N GLU A 340 -10.37 -7.35 -27.78
CA GLU A 340 -10.11 -6.19 -26.94
C GLU A 340 -10.19 -6.52 -25.45
N VAL A 341 -10.77 -7.65 -25.09
CA VAL A 341 -10.86 -8.06 -23.70
C VAL A 341 -9.76 -9.07 -23.43
N PHE A 342 -9.65 -10.07 -24.29
CA PHE A 342 -8.78 -11.19 -23.98
C PHE A 342 -7.35 -10.91 -24.38
N ASN A 343 -7.13 -10.08 -25.39
CA ASN A 343 -5.80 -9.58 -25.71
C ASN A 343 -5.55 -8.20 -25.13
N ALA A 344 -6.26 -7.81 -24.07
CA ALA A 344 -6.11 -6.49 -23.48
C ALA A 344 -4.76 -6.37 -22.78
N THR A 345 -4.30 -5.12 -22.64
CA THR A 345 -2.91 -4.89 -22.24
C THR A 345 -2.78 -4.64 -20.74
N ARG A 346 -3.86 -4.35 -20.05
CA ARG A 346 -3.76 -3.87 -18.68
C ARG A 346 -5.02 -4.24 -17.91
N PHE A 347 -4.94 -5.32 -17.14
CA PHE A 347 -6.00 -5.69 -16.21
C PHE A 347 -5.72 -5.07 -14.86
N ALA A 348 -6.77 -4.59 -14.23
CA ALA A 348 -6.62 -4.06 -12.89
C ALA A 348 -6.59 -5.20 -11.87
N SER A 349 -6.40 -4.82 -10.61
CA SER A 349 -6.38 -5.81 -9.55
C SER A 349 -7.80 -6.19 -9.16
N VAL A 350 -7.90 -6.91 -8.04
CA VAL A 350 -9.18 -7.49 -7.66
C VAL A 350 -9.93 -6.56 -6.71
N TYR A 351 -9.24 -5.55 -6.17
CA TYR A 351 -9.93 -4.60 -5.29
C TYR A 351 -10.73 -3.61 -6.13
N ALA A 352 -10.34 -3.42 -7.38
CA ALA A 352 -11.01 -2.52 -8.32
C ALA A 352 -11.17 -3.14 -9.69
N TRP A 353 -11.68 -4.36 -9.77
CA TRP A 353 -11.73 -5.12 -11.01
C TRP A 353 -12.61 -4.48 -12.06
N ASN A 354 -12.17 -4.59 -13.31
CA ASN A 354 -12.85 -3.97 -14.43
C ASN A 354 -13.99 -4.84 -14.91
N ARG A 355 -15.10 -4.19 -15.24
CA ARG A 355 -16.33 -4.85 -15.66
C ARG A 355 -16.80 -4.21 -16.94
N LYS A 356 -17.15 -5.03 -17.93
CA LYS A 356 -17.51 -4.56 -19.25
C LYS A 356 -18.80 -5.25 -19.65
N ARG A 357 -19.90 -4.49 -19.62
CA ARG A 357 -21.19 -4.99 -20.09
C ARG A 357 -21.15 -5.13 -21.61
N ILE A 358 -21.39 -6.34 -22.10
CA ILE A 358 -21.29 -6.62 -23.52
C ILE A 358 -22.61 -7.19 -24.01
N SER A 359 -23.10 -6.64 -25.11
CA SER A 359 -24.32 -7.05 -25.79
C SER A 359 -24.23 -6.50 -27.21
N ASN A 360 -25.22 -6.89 -28.03
CA ASN A 360 -25.44 -6.37 -29.39
C ASN A 360 -24.24 -6.62 -30.30
N CYS A 361 -23.78 -7.87 -30.31
CA CYS A 361 -22.67 -8.31 -31.15
C CYS A 361 -22.76 -9.82 -31.30
N VAL A 362 -21.72 -10.45 -31.83
CA VAL A 362 -21.75 -11.89 -32.08
C VAL A 362 -20.54 -12.56 -31.45
N ALA A 363 -20.75 -13.79 -31.01
CA ALA A 363 -19.78 -14.50 -30.21
C ALA A 363 -18.83 -15.29 -31.09
N ASP A 364 -17.53 -15.21 -30.78
CA ASP A 364 -16.50 -15.91 -31.52
C ASP A 364 -16.01 -17.13 -30.75
N TYR A 365 -16.92 -17.89 -30.13
CA TYR A 365 -16.66 -18.97 -29.19
C TYR A 365 -15.74 -20.09 -29.66
N SER A 366 -15.50 -20.16 -30.97
CA SER A 366 -14.60 -21.14 -31.55
C SER A 366 -13.17 -21.02 -31.03
N VAL A 367 -12.54 -19.86 -31.22
CA VAL A 367 -11.11 -19.72 -30.91
C VAL A 367 -10.86 -19.65 -29.42
N LEU A 368 -11.91 -19.51 -28.62
CA LEU A 368 -11.82 -19.71 -27.17
C LEU A 368 -11.28 -21.10 -26.86
N TYR A 369 -11.82 -22.10 -27.54
CA TYR A 369 -11.37 -23.46 -27.32
C TYR A 369 -10.11 -23.73 -28.13
N ASN A 370 -9.98 -23.04 -29.27
CA ASN A 370 -8.80 -23.23 -30.11
C ASN A 370 -7.60 -22.47 -29.58
N SER A 371 -7.77 -21.65 -28.54
CA SER A 371 -6.65 -20.96 -27.93
C SER A 371 -5.68 -21.94 -27.30
N ALA A 372 -6.14 -22.70 -26.30
CA ALA A 372 -5.44 -23.85 -25.71
C ALA A 372 -4.08 -23.49 -25.09
N SER A 373 -3.89 -22.22 -24.76
CA SER A 373 -2.77 -21.77 -23.96
C SER A 373 -3.20 -21.39 -22.54
N PHE A 374 -4.40 -21.82 -22.14
CA PHE A 374 -5.05 -21.34 -20.93
C PHE A 374 -5.00 -22.42 -19.87
N SER A 375 -4.52 -22.07 -18.68
CA SER A 375 -4.35 -23.04 -17.60
C SER A 375 -5.66 -23.62 -17.10
N THR A 376 -6.51 -22.79 -16.52
CA THR A 376 -7.73 -23.28 -15.89
C THR A 376 -8.92 -22.66 -16.57
N PHE A 377 -9.66 -23.47 -17.31
CA PHE A 377 -10.71 -23.00 -18.20
C PHE A 377 -11.94 -23.85 -17.92
N LYS A 378 -12.86 -23.35 -17.11
CA LYS A 378 -14.03 -24.15 -16.79
C LYS A 378 -15.31 -23.37 -17.04
N CYS A 379 -16.41 -24.10 -17.12
CA CYS A 379 -17.68 -23.50 -17.48
C CYS A 379 -18.80 -24.15 -16.68
N TYR A 380 -19.99 -23.58 -16.82
CA TYR A 380 -21.17 -24.00 -16.08
C TYR A 380 -22.39 -23.77 -16.96
N GLY A 381 -23.57 -23.84 -16.35
CA GLY A 381 -24.82 -23.60 -17.03
C GLY A 381 -25.26 -24.74 -17.92
N VAL A 382 -24.59 -24.95 -19.04
CA VAL A 382 -24.67 -26.17 -19.84
C VAL A 382 -23.31 -26.23 -20.53
N SER A 383 -22.97 -27.41 -21.09
CA SER A 383 -21.65 -27.84 -21.56
C SER A 383 -20.92 -26.81 -22.43
N PRO A 384 -19.58 -26.77 -22.40
CA PRO A 384 -18.86 -25.77 -23.22
C PRO A 384 -18.97 -26.00 -24.71
N THR A 385 -19.11 -27.24 -25.16
CA THR A 385 -19.34 -27.48 -26.58
C THR A 385 -20.74 -27.02 -26.97
N LYS A 386 -21.67 -27.05 -26.02
CA LYS A 386 -23.04 -26.67 -26.34
C LYS A 386 -23.21 -25.17 -26.40
N LEU A 387 -22.30 -24.40 -25.80
CA LEU A 387 -22.57 -22.97 -25.67
C LEU A 387 -22.23 -22.17 -26.91
N ASN A 388 -21.77 -22.82 -27.98
CA ASN A 388 -21.43 -22.14 -29.21
C ASN A 388 -22.64 -21.42 -29.81
N ASP A 389 -23.80 -22.05 -29.73
CA ASP A 389 -25.00 -21.46 -30.31
C ASP A 389 -25.98 -20.99 -29.26
N LEU A 390 -26.03 -21.69 -28.11
CA LEU A 390 -26.98 -21.36 -27.05
C LEU A 390 -26.59 -20.03 -26.42
N CYS A 391 -27.34 -18.98 -26.74
CA CYS A 391 -26.82 -17.63 -26.64
C CYS A 391 -27.65 -16.78 -25.69
N PHE A 392 -27.22 -15.52 -25.54
CA PHE A 392 -27.33 -14.77 -24.31
C PHE A 392 -27.97 -13.41 -24.52
N THR A 393 -28.70 -12.95 -23.51
CA THR A 393 -29.31 -11.63 -23.59
C THR A 393 -28.29 -10.54 -23.36
N ASN A 394 -27.50 -10.66 -22.29
CA ASN A 394 -26.61 -9.60 -21.84
C ASN A 394 -25.50 -10.16 -20.97
N VAL A 395 -24.27 -10.06 -21.45
CA VAL A 395 -23.19 -10.73 -20.74
C VAL A 395 -22.39 -9.69 -19.99
N TYR A 396 -21.76 -10.13 -18.92
CA TYR A 396 -20.89 -9.30 -18.10
C TYR A 396 -19.50 -9.90 -18.16
N ALA A 397 -18.58 -9.19 -18.78
CA ALA A 397 -17.20 -9.65 -18.88
C ALA A 397 -16.35 -8.86 -17.89
N ASP A 398 -15.99 -9.48 -16.77
CA ASP A 398 -15.20 -8.77 -15.79
C ASP A 398 -13.90 -9.53 -15.50
N SER A 399 -12.79 -8.80 -15.45
CA SER A 399 -11.50 -9.44 -15.39
C SER A 399 -10.63 -8.82 -14.31
N PHE A 400 -9.67 -9.59 -13.84
CA PHE A 400 -8.71 -9.16 -12.82
C PHE A 400 -7.52 -10.11 -12.84
N VAL A 401 -6.57 -9.85 -11.96
CA VAL A 401 -5.32 -10.60 -11.87
C VAL A 401 -5.14 -11.08 -10.44
N ILE A 402 -4.99 -12.39 -10.25
CA ILE A 402 -4.80 -12.97 -8.94
C ILE A 402 -3.62 -13.94 -9.00
N ARG A 403 -3.36 -14.59 -7.87
CA ARG A 403 -2.19 -15.44 -7.73
C ARG A 403 -2.46 -16.85 -8.25
N GLY A 404 -1.38 -17.57 -8.54
CA GLY A 404 -1.52 -18.90 -9.09
C GLY A 404 -1.97 -19.94 -8.09
N ASP A 405 -1.93 -19.60 -6.80
CA ASP A 405 -2.41 -20.52 -5.78
C ASP A 405 -3.88 -20.26 -5.45
N GLU A 406 -4.29 -18.99 -5.43
CA GLU A 406 -5.61 -18.64 -4.94
C GLU A 406 -6.71 -18.82 -5.97
N VAL A 407 -6.37 -19.29 -7.18
CA VAL A 407 -7.36 -19.31 -8.26
C VAL A 407 -8.40 -20.39 -8.03
N ARG A 408 -8.06 -21.40 -7.22
CA ARG A 408 -9.05 -22.41 -6.86
C ARG A 408 -10.10 -21.84 -5.91
N GLN A 409 -9.76 -20.74 -5.23
CA GLN A 409 -10.78 -19.96 -4.52
C GLN A 409 -11.83 -19.45 -5.48
N ILE A 410 -11.40 -19.03 -6.67
CA ILE A 410 -12.36 -18.64 -7.70
C ILE A 410 -13.06 -19.89 -8.19
N ALA A 411 -14.29 -20.06 -7.73
CA ALA A 411 -15.22 -21.13 -8.04
C ALA A 411 -16.53 -20.66 -7.42
N PRO A 412 -17.66 -20.86 -8.08
CA PRO A 412 -18.93 -20.35 -7.54
C PRO A 412 -19.35 -21.10 -6.28
N GLY A 413 -19.26 -20.42 -5.15
CA GLY A 413 -19.58 -21.01 -3.87
C GLY A 413 -18.40 -21.68 -3.19
N GLN A 414 -17.32 -20.93 -2.99
CA GLN A 414 -16.19 -21.39 -2.18
C GLN A 414 -15.79 -20.28 -1.24
N THR A 415 -14.73 -20.54 -0.45
CA THR A 415 -14.22 -19.57 0.49
C THR A 415 -12.76 -19.30 0.15
N GLY A 416 -12.11 -18.54 1.02
CA GLY A 416 -10.79 -18.03 0.75
C GLY A 416 -10.85 -16.58 0.27
N LYS A 417 -9.69 -15.91 0.39
CA LYS A 417 -9.63 -14.45 0.53
C LYS A 417 -10.23 -13.72 -0.65
N ILE A 418 -9.91 -14.19 -1.87
CA ILE A 418 -10.40 -13.54 -3.08
C ILE A 418 -11.91 -13.68 -3.18
N ALA A 419 -12.44 -14.84 -2.81
CA ALA A 419 -13.87 -14.97 -2.78
C ALA A 419 -14.48 -14.53 -1.46
N ASP A 420 -13.67 -14.09 -0.50
CA ASP A 420 -14.26 -13.68 0.76
C ASP A 420 -14.44 -12.18 0.83
N TYR A 421 -13.44 -11.44 0.38
CA TYR A 421 -13.47 -10.00 0.56
C TYR A 421 -13.18 -9.22 -0.72
N ASN A 422 -12.82 -9.90 -1.80
CA ASN A 422 -12.31 -9.25 -2.99
C ASN A 422 -13.31 -9.32 -4.15
N TYR A 423 -13.76 -10.50 -4.52
CA TYR A 423 -14.63 -10.68 -5.66
C TYR A 423 -15.49 -11.92 -5.44
N LYS A 424 -16.80 -11.79 -5.56
CA LYS A 424 -17.68 -12.85 -5.10
C LYS A 424 -18.54 -13.37 -6.23
N LEU A 425 -18.29 -14.61 -6.64
CA LEU A 425 -19.22 -15.35 -7.48
C LEU A 425 -20.51 -15.64 -6.71
N PRO A 426 -21.65 -15.65 -7.38
CA PRO A 426 -22.92 -15.79 -6.65
C PRO A 426 -23.19 -17.21 -6.19
N ASP A 427 -24.38 -17.42 -5.62
CA ASP A 427 -24.76 -18.77 -5.22
C ASP A 427 -25.26 -19.59 -6.40
N ASP A 428 -25.86 -18.95 -7.38
CA ASP A 428 -26.31 -19.62 -8.60
C ASP A 428 -25.70 -18.88 -9.78
N PHE A 429 -24.81 -19.56 -10.50
CA PHE A 429 -23.94 -18.92 -11.47
C PHE A 429 -24.01 -19.66 -12.79
N THR A 430 -23.76 -18.97 -13.88
CA THR A 430 -23.87 -19.55 -15.21
C THR A 430 -22.54 -19.58 -15.96
N GLY A 431 -21.72 -18.55 -15.80
CA GLY A 431 -20.66 -18.25 -16.74
C GLY A 431 -19.44 -19.15 -16.63
N CYS A 432 -18.42 -18.77 -17.38
CA CYS A 432 -17.17 -19.51 -17.45
C CYS A 432 -16.07 -18.73 -16.75
N VAL A 433 -15.18 -19.47 -16.09
CA VAL A 433 -13.99 -18.90 -15.50
C VAL A 433 -12.85 -19.23 -16.45
N ILE A 434 -12.24 -18.20 -16.99
CA ILE A 434 -11.11 -18.37 -17.87
C ILE A 434 -9.88 -17.86 -17.18
N ALA A 435 -8.86 -18.71 -17.12
CA ALA A 435 -7.69 -18.44 -16.30
C ALA A 435 -6.44 -18.88 -17.02
N TRP A 436 -5.46 -18.00 -17.09
CA TRP A 436 -4.16 -18.38 -17.61
C TRP A 436 -3.08 -17.57 -16.92
N ASN A 437 -1.85 -17.96 -17.17
CA ASN A 437 -0.68 -17.29 -16.64
C ASN A 437 -0.24 -16.19 -17.58
N SER A 438 0.15 -15.07 -16.99
CA SER A 438 0.83 -14.00 -17.70
C SER A 438 2.15 -13.67 -17.04
N ASN A 439 2.97 -14.68 -16.74
CA ASN A 439 4.20 -14.46 -15.99
C ASN A 439 5.22 -13.66 -16.78
N ASN A 440 5.20 -13.77 -18.10
CA ASN A 440 6.16 -13.04 -18.93
C ASN A 440 5.84 -11.55 -19.04
N LEU A 441 4.69 -11.11 -18.55
CA LEU A 441 4.31 -9.71 -18.63
C LEU A 441 4.25 -9.05 -17.26
N ASP A 442 3.49 -9.63 -16.34
CA ASP A 442 3.17 -9.00 -15.06
C ASP A 442 4.37 -8.98 -14.14
N SER A 443 4.90 -10.16 -13.82
CA SER A 443 6.00 -10.26 -12.87
C SER A 443 7.29 -9.74 -13.50
N LYS A 444 7.85 -8.70 -12.89
CA LYS A 444 8.99 -8.01 -13.45
C LYS A 444 10.16 -8.09 -12.50
N VAL A 445 11.38 -8.12 -13.06
CA VAL A 445 12.58 -8.05 -12.25
C VAL A 445 12.69 -6.65 -11.66
N GLY A 446 13.23 -6.57 -10.45
CA GLY A 446 13.08 -5.38 -9.64
C GLY A 446 11.80 -5.33 -8.86
N GLY A 447 10.89 -6.27 -9.07
CA GLY A 447 9.68 -6.42 -8.31
C GLY A 447 8.47 -5.81 -8.98
N ASN A 448 7.39 -6.59 -9.03
CA ASN A 448 6.07 -6.10 -9.42
C ASN A 448 5.29 -5.89 -8.13
N TYR A 449 4.87 -4.65 -7.89
CA TYR A 449 3.99 -4.31 -6.79
C TYR A 449 2.90 -3.36 -7.23
N ASN A 450 2.60 -3.34 -8.54
CA ASN A 450 1.44 -2.62 -9.03
C ASN A 450 0.16 -3.23 -8.49
N TYR A 451 0.11 -4.55 -8.41
CA TYR A 451 -1.14 -5.22 -8.11
C TYR A 451 -1.44 -5.18 -6.61
N LEU A 452 -2.72 -5.27 -6.30
CA LEU A 452 -3.22 -5.13 -4.93
C LEU A 452 -4.37 -6.10 -4.72
N TYR A 453 -4.92 -6.10 -3.51
CA TYR A 453 -6.10 -6.83 -3.12
C TYR A 453 -6.51 -6.34 -1.75
N ARG A 454 -7.74 -6.66 -1.37
CA ARG A 454 -8.24 -6.34 -0.03
C ARG A 454 -8.10 -7.58 0.84
N LEU A 455 -7.52 -7.42 2.01
CA LEU A 455 -7.29 -8.54 2.91
C LEU A 455 -8.32 -8.61 4.03
N PHE A 456 -9.02 -7.53 4.34
CA PHE A 456 -9.97 -7.55 5.44
C PHE A 456 -11.16 -6.63 5.15
N ARG A 457 -12.29 -6.98 5.76
CA ARG A 457 -13.54 -6.25 5.71
C ARG A 457 -14.40 -6.83 6.82
N LYS A 458 -15.34 -6.04 7.34
CA LYS A 458 -16.14 -6.45 8.49
C LYS A 458 -17.31 -7.35 8.12
N SER A 459 -17.39 -7.83 6.88
CA SER A 459 -18.35 -8.87 6.49
C SER A 459 -17.84 -9.55 5.24
N ASN A 460 -18.41 -10.71 4.94
CA ASN A 460 -18.21 -11.32 3.65
C ASN A 460 -18.84 -10.48 2.55
N LEU A 461 -18.37 -10.67 1.33
CA LEU A 461 -18.67 -9.75 0.26
C LEU A 461 -19.91 -10.18 -0.51
N LYS A 462 -20.78 -9.21 -0.79
CA LYS A 462 -21.97 -9.45 -1.58
C LYS A 462 -21.56 -9.81 -3.01
N PRO A 463 -22.35 -10.62 -3.71
CA PRO A 463 -21.89 -11.16 -5.01
C PRO A 463 -21.81 -10.10 -6.10
N PHE A 464 -20.72 -10.15 -6.87
CA PHE A 464 -20.35 -9.25 -7.96
C PHE A 464 -20.16 -7.80 -7.57
N GLU A 465 -20.05 -7.46 -6.30
CA GLU A 465 -19.88 -6.07 -5.92
C GLU A 465 -18.45 -5.83 -5.48
N ARG A 466 -17.77 -4.92 -6.17
CA ARG A 466 -16.40 -4.56 -5.82
C ARG A 466 -16.36 -3.77 -4.53
N ASP A 467 -15.16 -3.53 -4.04
CA ASP A 467 -14.96 -2.77 -2.81
C ASP A 467 -13.74 -1.88 -3.03
N ILE A 468 -13.98 -0.63 -3.42
CA ILE A 468 -12.91 0.32 -3.63
C ILE A 468 -12.69 1.18 -2.39
N SER A 469 -13.55 1.04 -1.38
CA SER A 469 -13.45 1.84 -0.17
C SER A 469 -12.23 1.44 0.63
N THR A 470 -11.19 2.25 0.54
CA THR A 470 -9.90 1.97 1.16
C THR A 470 -9.76 2.57 2.55
N GLU A 471 -10.86 2.81 3.25
CA GLU A 471 -10.81 3.33 4.61
C GLU A 471 -10.31 2.24 5.57
N ILE A 472 -9.93 2.66 6.76
CA ILE A 472 -9.38 1.76 7.76
C ILE A 472 -10.51 1.01 8.44
N TYR A 473 -10.38 -0.31 8.50
CA TYR A 473 -11.29 -1.13 9.29
C TYR A 473 -10.73 -1.22 10.71
N GLN A 474 -11.63 -1.25 11.69
CA GLN A 474 -11.24 -1.27 13.10
C GLN A 474 -11.62 -2.63 13.68
N ALA A 475 -10.64 -3.53 13.73
CA ALA A 475 -10.92 -4.90 14.19
C ALA A 475 -11.24 -4.91 15.67
N GLY A 476 -10.35 -4.37 16.48
CA GLY A 476 -10.67 -4.12 17.86
C GLY A 476 -11.53 -2.88 18.02
N SER A 477 -11.97 -2.67 19.26
CA SER A 477 -12.94 -1.62 19.54
C SER A 477 -12.33 -0.22 19.58
N THR A 478 -11.01 -0.09 19.61
CA THR A 478 -10.37 1.22 19.74
C THR A 478 -10.47 2.00 18.45
N PRO A 479 -11.15 3.16 18.44
CA PRO A 479 -11.42 3.84 17.17
C PRO A 479 -10.18 4.55 16.63
N CYS A 480 -9.75 4.12 15.44
CA CYS A 480 -8.65 4.76 14.75
C CYS A 480 -9.09 5.94 13.90
N ASN A 481 -10.31 5.86 13.33
CA ASN A 481 -11.02 6.96 12.67
C ASN A 481 -10.22 7.53 11.50
N GLY A 482 -10.02 6.70 10.49
CA GLY A 482 -9.45 7.12 9.23
C GLY A 482 -7.95 6.99 9.14
N VAL A 483 -7.23 7.42 10.17
CA VAL A 483 -5.78 7.23 10.22
C VAL A 483 -5.55 5.83 10.77
N GLU A 484 -4.36 5.29 10.50
CA GLU A 484 -4.01 3.96 10.99
C GLU A 484 -3.74 4.01 12.49
N GLY A 485 -3.60 2.83 13.10
CA GLY A 485 -3.27 2.79 14.50
C GLY A 485 -3.24 1.41 15.10
N PHE A 486 -3.66 1.28 16.36
CA PHE A 486 -3.68 -0.01 17.05
C PHE A 486 -5.08 -0.58 17.05
N ASN A 487 -5.13 -1.92 16.92
CA ASN A 487 -6.27 -2.82 16.75
C ASN A 487 -6.85 -2.71 15.35
N CYS A 488 -6.34 -1.79 14.54
CA CYS A 488 -6.83 -1.53 13.21
C CYS A 488 -5.67 -1.67 12.24
N TYR A 489 -5.95 -2.19 11.06
CA TYR A 489 -4.93 -2.34 10.05
C TYR A 489 -5.33 -1.55 8.82
N PHE A 490 -4.40 -1.46 7.88
CA PHE A 490 -4.71 -0.94 6.56
C PHE A 490 -5.55 -1.98 5.82
N PRO A 491 -6.48 -1.55 4.96
CA PRO A 491 -7.30 -2.54 4.26
C PRO A 491 -6.57 -3.34 3.19
N LEU A 492 -5.76 -2.69 2.36
CA LEU A 492 -5.25 -3.31 1.15
C LEU A 492 -3.84 -3.82 1.36
N GLN A 493 -3.41 -4.69 0.46
CA GLN A 493 -2.05 -5.20 0.45
C GLN A 493 -1.71 -5.51 -1.01
N SER A 494 -0.43 -5.48 -1.33
CA SER A 494 0.01 -5.86 -2.65
C SER A 494 0.17 -7.38 -2.74
N TYR A 495 0.50 -7.84 -3.94
CA TYR A 495 1.12 -9.13 -4.16
C TYR A 495 2.61 -8.90 -4.37
N GLY A 496 3.41 -9.95 -4.21
CA GLY A 496 4.81 -9.87 -4.60
C GLY A 496 5.06 -10.69 -5.84
N PHE A 497 5.21 -10.04 -6.99
CA PHE A 497 5.47 -10.76 -8.23
C PHE A 497 6.85 -10.42 -8.76
N GLN A 498 7.63 -11.47 -9.01
CA GLN A 498 8.88 -11.48 -9.77
C GLN A 498 8.90 -12.80 -10.54
N PRO A 499 9.67 -12.90 -11.62
CA PRO A 499 9.88 -14.21 -12.24
C PRO A 499 10.74 -15.17 -11.42
N THR A 500 11.27 -14.70 -10.28
CA THR A 500 11.91 -15.59 -9.32
C THR A 500 10.91 -16.40 -8.53
N ASN A 501 9.61 -16.13 -8.67
CA ASN A 501 8.60 -16.92 -7.99
C ASN A 501 8.52 -18.32 -8.58
N GLY A 502 8.03 -19.26 -7.79
CA GLY A 502 7.71 -20.58 -8.30
C GLY A 502 6.45 -20.56 -9.14
N VAL A 503 6.10 -21.76 -9.63
CA VAL A 503 4.98 -21.87 -10.57
C VAL A 503 3.66 -21.69 -9.84
N GLY A 504 3.63 -21.93 -8.54
CA GLY A 504 2.41 -21.73 -7.78
C GLY A 504 2.16 -20.27 -7.47
N TYR A 505 3.17 -19.42 -7.62
CA TYR A 505 3.06 -18.00 -7.30
C TYR A 505 3.05 -17.14 -8.55
N GLN A 506 2.59 -17.67 -9.67
CA GLN A 506 2.62 -16.93 -10.92
C GLN A 506 1.30 -16.20 -11.13
N PRO A 507 1.32 -15.01 -11.74
CA PRO A 507 0.09 -14.24 -11.88
C PRO A 507 -0.82 -14.78 -12.97
N TYR A 508 -2.08 -14.97 -12.59
CA TYR A 508 -3.11 -15.36 -13.52
C TYR A 508 -3.94 -14.14 -13.86
N ARG A 509 -4.22 -13.99 -15.15
CA ARG A 509 -5.14 -12.95 -15.62
C ARG A 509 -6.50 -13.59 -15.79
N VAL A 510 -7.22 -13.73 -14.69
CA VAL A 510 -8.51 -14.40 -14.67
C VAL A 510 -9.54 -13.45 -15.24
N VAL A 511 -10.13 -13.83 -16.36
CA VAL A 511 -11.31 -13.15 -16.87
C VAL A 511 -12.50 -14.05 -16.64
N VAL A 512 -13.59 -13.48 -16.16
CA VAL A 512 -14.79 -14.21 -15.82
C VAL A 512 -15.90 -13.72 -16.72
N LEU A 513 -16.58 -14.66 -17.37
CA LEU A 513 -17.72 -14.33 -18.21
C LEU A 513 -18.99 -14.80 -17.52
N SER A 514 -19.96 -13.90 -17.41
CA SER A 514 -21.17 -14.21 -16.68
C SER A 514 -22.35 -13.91 -17.58
N PHE A 515 -23.38 -14.75 -17.50
CA PHE A 515 -24.44 -14.69 -18.48
C PHE A 515 -25.79 -14.63 -17.77
N GLU A 516 -26.84 -14.37 -18.56
CA GLU A 516 -28.18 -14.21 -17.99
C GLU A 516 -29.21 -14.44 -19.09
N LEU A 517 -30.48 -14.28 -18.73
CA LEU A 517 -31.60 -14.43 -19.65
C LEU A 517 -32.79 -13.63 -19.12
N LEU A 518 -33.44 -12.87 -19.99
CA LEU A 518 -34.45 -11.90 -19.57
C LEU A 518 -35.57 -11.81 -20.60
N HIS A 519 -36.55 -10.94 -20.30
CA HIS A 519 -37.52 -10.45 -21.28
C HIS A 519 -36.86 -9.78 -22.47
N ALA A 520 -35.66 -9.23 -22.29
CA ALA A 520 -34.79 -8.74 -23.34
C ALA A 520 -34.42 -9.88 -24.29
N PRO A 521 -34.23 -9.59 -25.57
CA PRO A 521 -33.86 -10.66 -26.51
C PRO A 521 -32.39 -11.01 -26.38
N ALA A 522 -32.02 -12.08 -27.08
CA ALA A 522 -30.64 -12.55 -27.13
C ALA A 522 -29.84 -11.58 -27.99
N THR A 523 -29.42 -10.47 -27.40
CA THR A 523 -28.76 -9.42 -28.16
C THR A 523 -27.34 -9.80 -28.57
N VAL A 524 -26.66 -10.62 -27.78
CA VAL A 524 -25.36 -11.17 -28.16
C VAL A 524 -25.53 -12.64 -28.49
N CYS A 525 -25.19 -13.01 -29.72
CA CYS A 525 -25.51 -14.37 -30.13
C CYS A 525 -24.54 -14.86 -31.19
N GLY A 526 -24.13 -16.12 -31.05
CA GLY A 526 -23.20 -16.71 -31.97
C GLY A 526 -23.85 -17.03 -33.32
N PRO A 527 -23.08 -17.67 -34.21
CA PRO A 527 -23.54 -17.99 -35.56
C PRO A 527 -24.61 -19.08 -35.60
N GLN B 1 5.59 6.92 -6.43
CA GLN B 1 7.02 6.71 -6.64
C GLN B 1 7.84 7.86 -6.11
N GLN B 2 7.30 9.07 -6.19
CA GLN B 2 8.13 10.25 -6.03
C GLN B 2 7.30 11.37 -5.41
N LEU B 3 7.94 12.19 -4.58
CA LEU B 3 7.29 13.27 -3.86
C LEU B 3 8.07 14.55 -4.09
N VAL B 4 7.37 15.64 -4.38
CA VAL B 4 7.99 16.93 -4.56
C VAL B 4 7.36 17.92 -3.58
N GLU B 5 8.11 18.94 -3.18
CA GLU B 5 7.73 19.82 -2.10
C GLU B 5 7.69 21.27 -2.58
N SER B 6 6.91 22.10 -1.87
CA SER B 6 6.92 23.52 -2.12
C SER B 6 8.22 24.13 -1.59
N GLY B 7 8.51 25.35 -2.02
CA GLY B 7 9.77 25.97 -1.70
C GLY B 7 9.84 26.45 -0.25
N GLY B 8 10.96 26.14 0.39
CA GLY B 8 11.25 26.67 1.69
C GLY B 8 11.90 28.03 1.59
N GLY B 9 11.99 28.69 2.74
CA GLY B 9 12.53 30.05 2.75
C GLY B 9 12.54 30.61 4.16
N VAL B 10 12.96 31.87 4.24
CA VAL B 10 13.07 32.58 5.51
C VAL B 10 11.82 33.42 5.69
N VAL B 11 11.07 33.13 6.75
CA VAL B 11 9.80 33.78 7.05
C VAL B 11 9.91 34.37 8.46
N GLN B 12 9.36 35.61 8.64
CA GLN B 12 9.31 36.21 9.96
C GLN B 12 8.35 35.44 10.87
N PRO B 13 8.62 35.43 12.19
CA PRO B 13 7.73 34.71 13.12
C PRO B 13 6.33 35.29 13.18
N GLY B 14 5.40 34.44 13.62
CA GLY B 14 3.99 34.79 13.67
C GLY B 14 3.26 34.69 12.35
N ARG B 15 3.95 34.41 11.26
CA ARG B 15 3.35 34.43 9.93
C ARG B 15 2.83 33.04 9.56
N SER B 16 2.51 32.88 8.28
CA SER B 16 1.96 31.64 7.76
C SER B 16 2.59 31.33 6.40
N LEU B 17 2.78 30.05 6.12
CA LEU B 17 3.36 29.64 4.85
C LEU B 17 2.83 28.28 4.43
N ARG B 18 1.97 28.26 3.41
CA ARG B 18 1.37 27.02 2.93
C ARG B 18 2.41 26.08 2.33
N LEU B 19 2.33 24.82 2.73
CA LEU B 19 3.26 23.79 2.29
C LEU B 19 2.56 22.86 1.31
N SER B 20 3.10 22.80 0.10
CA SER B 20 2.57 21.97 -0.97
C SER B 20 3.51 20.80 -1.20
N CYS B 21 2.94 19.61 -1.38
CA CYS B 21 3.75 18.44 -1.66
C CYS B 21 2.95 17.53 -2.58
N ALA B 22 3.44 17.36 -3.81
CA ALA B 22 2.73 16.60 -4.82
C ALA B 22 3.35 15.22 -4.99
N ALA B 23 2.49 14.24 -5.27
CA ALA B 23 2.93 12.86 -5.44
C ALA B 23 3.10 12.53 -6.92
N SER B 24 3.67 11.37 -7.19
CA SER B 24 3.90 10.87 -8.53
C SER B 24 4.17 9.38 -8.44
N GLY B 25 3.84 8.66 -9.52
CA GLY B 25 3.92 7.22 -9.54
C GLY B 25 2.69 6.51 -9.05
N PHE B 26 2.36 6.62 -7.77
CA PHE B 26 1.04 6.25 -7.32
C PHE B 26 0.43 7.43 -6.59
N THR B 27 -0.90 7.46 -6.59
CA THR B 27 -1.68 8.54 -6.01
C THR B 27 -1.47 8.68 -4.52
N PHE B 28 -1.63 9.92 -4.05
CA PHE B 28 -1.98 10.20 -2.67
C PHE B 28 -3.27 9.52 -2.25
N SER B 29 -4.24 9.42 -3.17
CA SER B 29 -5.66 9.32 -2.85
C SER B 29 -5.98 8.12 -1.97
N SER B 30 -5.45 6.95 -2.30
CA SER B 30 -5.83 5.76 -1.54
C SER B 30 -5.13 5.68 -0.19
N TYR B 31 -4.10 6.49 0.03
CA TYR B 31 -3.34 6.37 1.25
C TYR B 31 -3.64 7.52 2.19
N ALA B 32 -2.92 7.53 3.32
CA ALA B 32 -2.78 8.69 4.18
C ALA B 32 -1.52 9.42 3.74
N MET B 33 -1.14 10.48 4.47
CA MET B 33 0.20 11.05 4.30
C MET B 33 0.52 11.82 5.57
N HIS B 34 1.82 12.02 5.80
CA HIS B 34 2.30 12.64 7.02
C HIS B 34 3.26 13.78 6.69
N TRP B 35 3.56 14.55 7.73
CA TRP B 35 4.68 15.48 7.76
C TRP B 35 5.54 15.20 8.96
N VAL B 36 6.85 15.26 8.77
CA VAL B 36 7.78 15.21 9.89
C VAL B 36 8.78 16.35 9.76
N ARG B 37 9.50 16.57 10.86
CA ARG B 37 10.43 17.67 11.03
C ARG B 37 11.80 17.12 11.38
N GLN B 38 12.84 17.71 10.79
CA GLN B 38 14.21 17.46 11.24
C GLN B 38 14.91 18.79 11.41
N ALA B 39 15.14 19.18 12.64
CA ALA B 39 16.07 20.25 12.95
C ALA B 39 17.49 19.74 12.81
N PRO B 40 18.46 20.61 12.50
CA PRO B 40 19.84 20.14 12.30
C PRO B 40 20.45 19.59 13.59
N GLY B 41 20.90 18.35 13.52
CA GLY B 41 21.39 17.66 14.69
C GLY B 41 20.32 17.09 15.58
N LYS B 42 19.05 17.31 15.28
CA LYS B 42 17.95 16.81 16.10
C LYS B 42 17.30 15.63 15.41
N GLY B 43 16.63 14.81 16.21
CA GLY B 43 15.95 13.64 15.70
C GLY B 43 14.75 14.01 14.86
N LEU B 44 14.23 13.00 14.18
CA LEU B 44 13.05 13.16 13.34
C LEU B 44 11.82 13.21 14.23
N GLU B 45 11.11 14.32 14.21
CA GLU B 45 9.96 14.53 15.06
C GLU B 45 8.71 14.59 14.20
N TRP B 46 7.77 13.71 14.45
CA TRP B 46 6.52 13.67 13.71
C TRP B 46 5.71 14.94 13.96
N VAL B 47 4.99 15.38 12.92
CA VAL B 47 4.27 16.64 12.99
C VAL B 47 2.75 16.43 12.94
N ALA B 48 2.25 15.92 11.81
CA ALA B 48 0.80 15.85 11.62
C ALA B 48 0.47 14.83 10.55
N VAL B 49 -0.75 14.29 10.61
CA VAL B 49 -1.23 13.31 9.64
C VAL B 49 -2.17 14.00 8.66
N ILE B 50 -2.52 13.28 7.61
CA ILE B 50 -3.73 13.53 6.85
C ILE B 50 -4.34 12.16 6.61
N SER B 51 -5.66 12.10 6.53
CA SER B 51 -6.37 10.84 6.31
C SER B 51 -7.46 11.10 5.28
N TYR B 52 -7.17 10.85 4.01
CA TYR B 52 -8.16 11.16 2.98
C TYR B 52 -9.29 10.15 2.93
N ASP B 53 -9.07 8.91 3.35
CA ASP B 53 -10.02 7.83 3.11
C ASP B 53 -11.31 7.99 3.92
N GLY B 54 -11.26 8.81 4.96
CA GLY B 54 -12.46 9.41 5.49
C GLY B 54 -12.36 10.91 5.33
N SER B 55 -12.23 11.59 6.48
CA SER B 55 -11.57 12.89 6.59
C SER B 55 -11.29 13.14 8.06
N ASN B 56 -10.02 13.27 8.41
CA ASN B 56 -9.62 13.54 9.79
C ASN B 56 -8.21 14.08 9.77
N LYS B 57 -7.94 14.98 10.72
CA LYS B 57 -6.65 15.64 10.82
C LYS B 57 -6.18 15.60 12.26
N TYR B 58 -5.01 15.00 12.48
CA TYR B 58 -4.40 14.96 13.80
C TYR B 58 -3.08 15.70 13.78
N TYR B 59 -2.83 16.45 14.85
CA TYR B 59 -1.66 17.29 15.00
C TYR B 59 -0.89 16.82 16.21
N ALA B 60 0.41 17.07 16.21
CA ALA B 60 1.19 16.86 17.43
C ALA B 60 0.84 17.97 18.42
N ASP B 61 0.55 17.58 19.67
CA ASP B 61 0.37 18.58 20.70
C ASP B 61 1.69 19.10 21.24
N SER B 62 2.80 18.44 20.91
CA SER B 62 4.12 18.98 21.23
C SER B 62 4.38 20.28 20.49
N VAL B 63 4.04 20.33 19.21
CA VAL B 63 4.03 21.56 18.44
C VAL B 63 2.59 21.72 17.96
N LYS B 64 1.78 22.35 18.80
CA LYS B 64 0.35 22.51 18.55
C LYS B 64 0.14 23.96 18.16
N GLY B 65 0.36 24.25 16.88
CA GLY B 65 0.23 25.60 16.38
C GLY B 65 -0.86 25.80 15.37
N ARG B 66 -1.81 24.85 15.26
CA ARG B 66 -2.84 24.82 14.23
C ARG B 66 -2.25 24.89 12.84
N PHE B 67 -1.20 24.09 12.63
CA PHE B 67 -0.64 23.89 11.30
C PHE B 67 -1.62 23.08 10.48
N THR B 68 -2.43 23.75 9.67
CA THR B 68 -3.59 23.11 9.08
C THR B 68 -3.19 22.26 7.89
N ILE B 69 -3.87 21.12 7.75
CA ILE B 69 -3.56 20.12 6.73
C ILE B 69 -4.84 19.77 6.00
N SER B 70 -4.77 19.78 4.67
CA SER B 70 -5.82 19.28 3.80
C SER B 70 -5.18 18.95 2.46
N ARG B 71 -6.02 18.73 1.47
CA ARG B 71 -5.64 18.01 0.27
C ARG B 71 -5.67 18.91 -0.95
N ASP B 72 -5.04 18.41 -2.01
CA ASP B 72 -5.52 18.53 -3.38
C ASP B 72 -5.35 17.15 -3.97
N ASN B 73 -6.34 16.29 -3.76
CA ASN B 73 -6.28 14.88 -4.14
C ASN B 73 -6.17 14.69 -5.64
N SER B 74 -6.83 15.54 -6.41
CA SER B 74 -6.86 15.40 -7.86
C SER B 74 -5.54 15.82 -8.49
N LYS B 75 -4.70 16.53 -7.74
CA LYS B 75 -3.33 16.77 -8.15
C LYS B 75 -2.34 15.92 -7.38
N ASN B 76 -2.82 15.01 -6.53
CA ASN B 76 -2.03 14.14 -5.66
C ASN B 76 -1.06 14.96 -4.79
N THR B 77 -1.61 16.01 -4.20
CA THR B 77 -0.84 17.05 -3.55
C THR B 77 -1.47 17.29 -2.18
N LEU B 78 -0.70 17.86 -1.26
CA LEU B 78 -1.12 18.02 0.12
C LEU B 78 -0.58 19.33 0.66
N TYR B 79 -1.42 20.01 1.46
CA TYR B 79 -1.22 21.40 1.85
C TYR B 79 -1.29 21.51 3.36
N LEU B 80 -0.20 21.95 3.98
CA LEU B 80 -0.18 22.25 5.40
C LEU B 80 0.40 23.63 5.60
N GLN B 81 -0.43 24.55 6.08
CA GLN B 81 -0.07 25.95 6.18
C GLN B 81 0.62 26.19 7.51
N MET B 82 1.83 26.75 7.44
CA MET B 82 2.63 27.04 8.63
C MET B 82 2.06 28.24 9.35
N ASN B 83 1.35 27.97 10.45
CA ASN B 83 0.66 29.01 11.21
C ASN B 83 1.29 29.11 12.59
N SER B 84 1.30 30.35 13.12
CA SER B 84 1.78 30.68 14.46
C SER B 84 3.23 30.25 14.66
N LEU B 85 4.11 30.89 13.90
CA LEU B 85 5.51 30.46 13.81
C LEU B 85 6.30 30.85 15.06
N ARG B 86 7.40 30.13 15.25
CA ARG B 86 8.36 30.38 16.32
C ARG B 86 9.66 29.68 15.96
N ALA B 87 10.77 30.31 16.37
CA ALA B 87 12.06 30.20 15.66
C ALA B 87 12.64 28.80 15.73
N GLU B 88 12.34 28.05 16.80
CA GLU B 88 12.85 26.71 16.96
C GLU B 88 12.24 25.72 15.97
N ASP B 89 11.16 26.11 15.29
CA ASP B 89 10.62 25.30 14.21
C ASP B 89 11.43 25.43 12.92
N THR B 90 12.47 26.27 12.91
CA THR B 90 13.37 26.40 11.78
C THR B 90 14.10 25.08 11.53
N ALA B 91 13.74 24.40 10.44
CA ALA B 91 14.13 23.02 10.22
C ALA B 91 13.83 22.65 8.77
N VAL B 92 14.02 21.36 8.45
CA VAL B 92 13.63 20.81 7.17
C VAL B 92 12.40 19.94 7.40
N TYR B 93 11.47 19.93 6.45
CA TYR B 93 10.29 19.08 6.58
C TYR B 93 10.31 17.97 5.54
N TYR B 94 9.64 16.86 5.87
CA TYR B 94 9.47 15.74 4.96
C TYR B 94 8.01 15.32 4.85
N CYS B 95 7.64 14.91 3.64
CA CYS B 95 6.38 14.26 3.37
C CYS B 95 6.56 12.77 3.63
N ALA B 96 5.67 12.16 4.40
CA ALA B 96 5.97 10.85 4.97
C ALA B 96 4.85 9.85 4.83
N ARG B 97 5.19 8.59 5.05
CA ARG B 97 4.25 7.47 5.03
C ARG B 97 4.81 6.36 5.90
N HIS B 98 3.93 5.68 6.64
CA HIS B 98 4.30 4.66 7.61
C HIS B 98 3.79 3.31 7.17
N ALA B 99 4.68 2.32 7.13
CA ALA B 99 4.27 0.96 6.87
C ALA B 99 3.59 0.40 8.12
N THR B 100 2.26 0.33 8.11
CA THR B 100 1.48 -0.05 9.29
C THR B 100 1.18 -1.54 9.20
N LEU B 101 2.24 -2.35 9.16
CA LEU B 101 2.24 -3.82 9.21
C LEU B 101 1.62 -4.48 7.98
N MET B 102 1.05 -3.66 7.09
CA MET B 102 0.31 -4.15 5.93
C MET B 102 1.05 -3.77 4.68
N ASN B 103 1.32 -2.47 4.54
CA ASN B 103 1.91 -1.98 3.32
C ASN B 103 3.43 -1.94 3.46
N ASN B 104 4.08 -1.61 2.35
CA ASN B 104 5.43 -1.07 2.35
C ASN B 104 5.38 0.13 1.44
N LYS B 105 4.90 1.25 1.96
CA LYS B 105 4.73 2.44 1.15
C LYS B 105 5.46 3.64 1.68
N ASP B 106 6.46 3.45 2.55
CA ASP B 106 7.13 4.57 3.19
C ASP B 106 7.97 5.33 2.17
N ILE B 107 7.41 6.44 1.68
CA ILE B 107 8.04 7.25 0.65
C ILE B 107 8.22 8.65 1.21
N TRP B 108 9.39 9.24 0.95
CA TRP B 108 9.81 10.45 1.62
C TRP B 108 10.15 11.50 0.57
N GLY B 109 9.76 12.74 0.83
CA GLY B 109 10.07 13.83 -0.07
C GLY B 109 11.55 14.19 -0.03
N GLN B 110 11.88 15.24 -0.77
CA GLN B 110 13.29 15.60 -0.88
C GLN B 110 13.75 16.43 0.31
N GLY B 111 12.84 17.15 0.95
CA GLY B 111 13.19 17.96 2.10
C GLY B 111 13.44 19.41 1.72
N THR B 112 12.66 20.31 2.32
CA THR B 112 12.85 21.75 2.14
C THR B 112 12.92 22.43 3.49
N LEU B 113 13.70 23.52 3.54
CA LEU B 113 13.94 24.24 4.77
C LEU B 113 12.89 25.32 4.98
N VAL B 114 12.14 25.21 6.06
CA VAL B 114 11.40 26.32 6.62
C VAL B 114 12.32 27.02 7.62
N THR B 115 12.37 28.35 7.55
CA THR B 115 13.18 29.15 8.46
C THR B 115 12.27 30.17 9.12
N VAL B 116 12.33 30.24 10.45
CA VAL B 116 11.52 31.20 11.20
C VAL B 116 12.48 32.16 11.88
N SER B 117 12.63 33.35 11.30
CA SER B 117 13.54 34.37 11.81
C SER B 117 13.16 35.71 11.20
N SER B 118 13.42 36.77 11.96
CA SER B 118 13.24 38.14 11.46
C SER B 118 14.41 38.59 10.60
N ALA B 119 15.54 37.89 10.65
CA ALA B 119 16.73 38.22 9.86
C ALA B 119 16.76 37.31 8.64
N SER B 120 16.65 37.91 7.46
CA SER B 120 16.62 37.15 6.21
C SER B 120 17.99 36.57 5.87
N GLY C 1 -1.40 10.33 28.53
CA GLY C 1 -0.29 11.10 27.99
C GLY C 1 0.31 10.50 26.74
N ASP C 2 1.46 11.02 26.34
CA ASP C 2 2.14 10.51 25.16
C ASP C 2 2.82 9.18 25.47
N ILE C 3 3.25 8.50 24.42
CA ILE C 3 4.02 7.28 24.57
C ILE C 3 5.49 7.61 24.40
N GLN C 4 6.27 7.34 25.43
CA GLN C 4 7.69 7.63 25.41
C GLN C 4 8.44 6.49 24.73
N LEU C 5 9.45 6.86 23.95
CA LEU C 5 10.37 5.89 23.39
C LEU C 5 11.70 5.99 24.13
N THR C 6 12.47 4.92 24.08
CA THR C 6 13.78 4.86 24.71
C THR C 6 14.70 4.12 23.75
N GLN C 7 15.50 4.86 23.00
CA GLN C 7 16.42 4.29 22.05
C GLN C 7 17.80 4.24 22.67
N SER C 8 18.36 3.04 22.78
CA SER C 8 19.62 2.89 23.45
C SER C 8 20.52 1.94 22.68
N PRO C 9 21.81 2.27 22.51
CA PRO C 9 22.43 3.56 22.85
C PRO C 9 22.11 4.58 21.77
N SER C 10 22.23 5.86 22.09
CA SER C 10 21.93 6.89 21.11
C SER C 10 23.07 7.11 20.11
N SER C 11 24.21 6.47 20.33
CA SER C 11 25.26 6.37 19.31
C SER C 11 26.11 5.15 19.65
N LEU C 12 26.76 4.61 18.62
CA LEU C 12 27.73 3.55 18.83
C LEU C 12 28.71 3.56 17.68
N SER C 13 29.94 3.98 17.97
CA SER C 13 31.02 4.03 17.00
C SER C 13 31.56 2.61 16.82
N ALA C 14 31.48 2.10 15.61
CA ALA C 14 31.63 0.68 15.38
C ALA C 14 32.69 0.41 14.32
N SER C 15 32.90 -0.89 14.06
CA SER C 15 33.97 -1.35 13.19
C SER C 15 33.41 -2.32 12.15
N VAL C 16 34.32 -2.86 11.33
CA VAL C 16 33.90 -3.64 10.17
C VAL C 16 33.49 -5.05 10.61
N GLY C 17 32.34 -5.50 10.13
CA GLY C 17 31.90 -6.86 10.37
C GLY C 17 31.25 -7.11 11.71
N ASP C 18 30.82 -6.05 12.40
CA ASP C 18 30.25 -6.18 13.73
C ASP C 18 28.85 -6.78 13.67
N ARG C 19 28.26 -6.95 14.85
CA ARG C 19 26.86 -7.33 14.98
C ARG C 19 26.27 -6.47 16.09
N VAL C 20 25.75 -5.30 15.71
CA VAL C 20 25.31 -4.26 16.62
C VAL C 20 23.83 -4.48 16.93
N THR C 21 23.48 -4.39 18.20
CA THR C 21 22.10 -4.51 18.66
C THR C 21 21.64 -3.14 19.14
N ILE C 22 20.95 -2.41 18.28
CA ILE C 22 20.43 -1.09 18.63
C ILE C 22 19.03 -1.28 19.18
N THR C 23 18.88 -0.99 20.46
CA THR C 23 17.65 -1.27 21.18
C THR C 23 16.75 -0.04 21.17
N CYS C 24 15.46 -0.27 20.93
CA CYS C 24 14.44 0.76 21.09
C CYS C 24 13.46 0.21 22.10
N ARG C 25 13.41 0.83 23.27
CA ARG C 25 12.51 0.43 24.32
C ARG C 25 11.29 1.34 24.33
N ALA C 26 10.20 0.86 24.88
CA ALA C 26 8.93 1.57 24.81
C ALA C 26 8.37 1.76 26.21
N SER C 27 7.62 2.86 26.38
CA SER C 27 6.97 3.11 27.65
C SER C 27 5.72 2.28 27.84
N GLN C 28 5.09 1.83 26.76
CA GLN C 28 3.90 1.01 26.85
C GLN C 28 4.16 -0.33 26.17
N SER C 29 3.16 -1.19 26.22
CA SER C 29 3.23 -2.48 25.52
C SER C 29 2.65 -2.30 24.13
N ILE C 30 3.53 -2.20 23.13
CA ILE C 30 3.16 -2.01 21.73
C ILE C 30 3.36 -3.36 21.05
N SER C 31 2.34 -3.80 20.30
CA SER C 31 2.25 -5.15 19.76
C SER C 31 3.44 -5.55 18.90
N SER C 32 3.56 -4.95 17.73
CA SER C 32 4.81 -4.99 16.98
C SER C 32 5.10 -3.70 16.24
N TYR C 33 4.39 -2.63 16.55
CA TYR C 33 4.27 -1.49 15.65
C TYR C 33 5.50 -0.62 15.79
N LEU C 34 6.62 -1.09 15.26
CA LEU C 34 7.87 -0.34 15.34
C LEU C 34 8.69 -0.62 14.10
N ASN C 35 9.41 0.40 13.66
CA ASN C 35 10.10 0.34 12.38
C ASN C 35 11.54 0.76 12.57
N TRP C 36 12.29 0.83 11.47
CA TRP C 36 13.69 1.22 11.50
C TRP C 36 14.03 1.92 10.19
N TYR C 37 14.95 2.89 10.28
CA TYR C 37 15.24 3.72 9.12
C TYR C 37 16.74 3.88 8.90
N GLN C 38 17.14 3.98 7.63
CA GLN C 38 18.49 4.43 7.30
C GLN C 38 18.46 5.91 6.95
N GLN C 39 19.33 6.70 7.60
CA GLN C 39 19.54 8.07 7.19
C GLN C 39 21.01 8.43 7.23
N LYS C 40 21.65 8.48 6.06
CA LYS C 40 22.85 9.30 6.05
C LYS C 40 22.43 10.77 6.13
N PRO C 41 23.16 11.61 6.85
CA PRO C 41 22.65 12.94 7.19
C PRO C 41 22.47 13.85 5.98
N GLY C 42 21.22 14.11 5.65
CA GLY C 42 20.84 14.81 4.44
C GLY C 42 20.03 13.99 3.46
N LYS C 43 19.82 12.70 3.73
CA LYS C 43 19.11 11.82 2.84
C LYS C 43 17.64 11.70 3.27
N ALA C 44 16.91 10.86 2.57
CA ALA C 44 15.57 10.52 2.98
C ALA C 44 15.61 9.27 3.84
N PRO C 45 14.75 9.15 4.86
CA PRO C 45 14.83 7.98 5.75
C PRO C 45 14.32 6.72 5.06
N LYS C 46 15.26 5.87 4.69
CA LYS C 46 14.99 4.63 3.98
C LYS C 46 14.56 3.58 5.01
N LEU C 47 13.32 3.11 4.89
CA LEU C 47 12.75 2.14 5.82
C LEU C 47 13.49 0.81 5.78
N LEU C 48 13.74 0.25 6.97
CA LEU C 48 14.52 -0.98 7.07
C LEU C 48 13.67 -2.17 7.50
N ILE C 49 12.94 -2.07 8.61
CA ILE C 49 12.10 -3.15 9.10
C ILE C 49 10.69 -2.60 9.27
N TYR C 50 9.69 -3.38 8.91
CA TYR C 50 8.32 -3.00 9.21
C TYR C 50 7.72 -4.07 10.11
N ALA C 51 6.88 -3.62 11.05
CA ALA C 51 6.26 -4.41 12.11
C ALA C 51 7.29 -5.12 12.99
N ALA C 52 8.51 -4.56 13.09
CA ALA C 52 9.59 -4.94 13.99
C ALA C 52 10.14 -6.35 13.80
N SER C 53 9.60 -7.12 12.85
CA SER C 53 10.03 -8.49 12.64
C SER C 53 10.04 -8.91 11.19
N SER C 54 10.16 -7.98 10.24
CA SER C 54 10.04 -8.32 8.83
C SER C 54 11.00 -7.49 8.01
N LEU C 55 11.72 -8.14 7.10
CA LEU C 55 12.72 -7.48 6.28
C LEU C 55 12.07 -6.62 5.20
N GLN C 56 12.91 -6.00 4.38
CA GLN C 56 12.41 -5.09 3.36
C GLN C 56 13.17 -5.31 2.05
N SER C 57 12.49 -5.02 0.94
CA SER C 57 13.09 -5.06 -0.39
C SER C 57 14.31 -4.16 -0.48
N GLY C 58 15.35 -4.66 -1.15
CA GLY C 58 16.61 -3.96 -1.26
C GLY C 58 17.52 -4.10 -0.07
N VAL C 59 16.99 -4.42 1.10
CA VAL C 59 17.76 -4.51 2.34
C VAL C 59 17.92 -6.00 2.67
N PRO C 60 19.10 -6.57 2.57
CA PRO C 60 19.29 -7.99 2.92
C PRO C 60 19.18 -8.25 4.41
N SER C 61 19.43 -9.50 4.78
CA SER C 61 19.25 -9.93 6.17
C SER C 61 20.45 -9.59 7.05
N ARG C 62 21.37 -8.76 6.59
CA ARG C 62 22.36 -8.15 7.49
C ARG C 62 21.71 -7.29 8.57
N PHE C 63 20.52 -6.76 8.30
CA PHE C 63 19.65 -6.18 9.31
C PHE C 63 18.58 -7.22 9.63
N SER C 64 18.09 -7.23 10.86
CA SER C 64 17.20 -8.28 11.35
C SER C 64 16.48 -7.80 12.60
N GLY C 65 15.17 -7.67 12.53
CA GLY C 65 14.41 -7.17 13.65
C GLY C 65 13.73 -8.27 14.45
N SER C 66 13.53 -7.98 15.73
CA SER C 66 12.73 -8.81 16.61
C SER C 66 12.31 -8.00 17.82
N GLY C 67 11.41 -8.57 18.61
CA GLY C 67 10.92 -7.95 19.82
C GLY C 67 9.44 -7.62 19.73
N SER C 68 8.87 -7.36 20.90
CA SER C 68 7.45 -7.02 21.03
C SER C 68 7.23 -6.40 22.40
N GLY C 69 6.01 -5.89 22.59
CA GLY C 69 5.65 -5.35 23.89
C GLY C 69 6.30 -4.00 24.12
N THR C 70 7.28 -4.00 25.03
CA THR C 70 8.05 -2.79 25.31
C THR C 70 9.41 -2.83 24.63
N ASP C 71 9.91 -4.02 24.37
CA ASP C 71 11.31 -4.23 24.03
C ASP C 71 11.42 -4.49 22.54
N PHE C 72 12.22 -3.69 21.84
CA PHE C 72 12.39 -3.85 20.42
C PHE C 72 13.88 -3.78 20.08
N THR C 73 14.26 -4.55 19.06
CA THR C 73 15.66 -4.82 18.82
C THR C 73 16.01 -4.65 17.35
N LEU C 74 17.08 -3.91 17.09
CA LEU C 74 17.67 -3.78 15.77
C LEU C 74 18.91 -4.67 15.74
N THR C 75 18.83 -5.74 14.97
CA THR C 75 19.87 -6.77 14.91
C THR C 75 20.66 -6.54 13.63
N ILE C 76 21.65 -5.68 13.69
CA ILE C 76 22.56 -5.46 12.58
C ILE C 76 23.63 -6.53 12.66
N SER C 77 23.87 -7.24 11.56
CA SER C 77 24.83 -8.32 11.52
C SER C 77 25.74 -8.16 10.32
N SER C 78 27.01 -8.54 10.51
CA SER C 78 28.07 -8.47 9.49
C SER C 78 28.20 -7.05 8.92
N LEU C 79 28.63 -6.14 9.80
CA LEU C 79 28.44 -4.71 9.57
C LEU C 79 29.28 -4.21 8.41
N GLN C 80 28.60 -3.61 7.45
CA GLN C 80 29.13 -3.27 6.14
C GLN C 80 29.59 -1.81 6.12
N PRO C 81 30.57 -1.47 5.28
CA PRO C 81 31.06 -0.08 5.22
C PRO C 81 30.04 0.95 4.74
N GLU C 82 28.94 0.53 4.12
CA GLU C 82 27.87 1.45 3.79
C GLU C 82 26.84 1.60 4.89
N ASP C 83 26.85 0.71 5.89
CA ASP C 83 25.82 0.74 6.91
C ASP C 83 26.09 1.75 8.01
N PHE C 84 27.17 2.52 7.93
CA PHE C 84 27.53 3.47 8.96
C PHE C 84 26.79 4.78 8.72
N ALA C 85 25.66 4.98 9.40
CA ALA C 85 24.81 6.14 9.21
C ALA C 85 23.98 6.36 10.47
N THR C 86 23.04 7.29 10.40
CA THR C 86 22.18 7.64 11.52
C THR C 86 20.83 6.96 11.37
N TYR C 87 20.46 6.14 12.36
CA TYR C 87 19.31 5.26 12.23
C TYR C 87 18.25 5.67 13.25
N TYR C 88 17.06 5.09 13.10
CA TYR C 88 15.88 5.50 13.86
C TYR C 88 14.92 4.35 14.06
N CYS C 89 14.31 4.31 15.24
CA CYS C 89 13.14 3.48 15.47
C CYS C 89 11.87 4.31 15.37
N GLN C 90 10.72 3.64 15.48
CA GLN C 90 9.44 4.23 15.11
C GLN C 90 8.27 3.48 15.71
N GLN C 91 7.42 4.20 16.45
CA GLN C 91 6.13 3.65 16.84
C GLN C 91 5.09 3.98 15.77
N SER C 92 4.06 3.16 15.70
CA SER C 92 2.83 3.53 15.02
C SER C 92 1.62 3.06 15.81
N TYR C 93 1.78 2.91 17.12
CA TYR C 93 0.76 2.31 17.97
C TYR C 93 -0.42 3.26 18.13
N SER C 94 -0.16 4.46 18.63
CA SER C 94 -1.20 5.43 18.89
C SER C 94 -0.92 6.69 18.10
N THR C 95 -1.77 7.66 18.30
CA THR C 95 -1.49 9.03 17.90
C THR C 95 -1.25 9.84 19.15
N PRO C 96 -0.13 10.60 19.27
CA PRO C 96 0.95 10.91 18.33
C PRO C 96 1.99 9.82 18.11
N ARG C 97 2.54 9.79 16.90
CA ARG C 97 3.70 8.97 16.63
C ARG C 97 4.94 9.72 17.08
N THR C 98 5.86 9.01 17.71
CA THR C 98 7.17 9.57 17.99
C THR C 98 8.20 8.66 17.38
N PHE C 99 9.38 9.20 17.16
CA PHE C 99 10.48 8.44 16.61
C PHE C 99 11.58 8.45 17.65
N GLY C 100 12.51 7.52 17.57
CA GLY C 100 13.63 7.54 18.48
C GLY C 100 14.56 8.69 18.20
N GLN C 101 15.48 8.95 19.12
CA GLN C 101 16.40 10.07 18.94
C GLN C 101 17.49 9.77 17.92
N GLY C 102 17.63 8.53 17.48
CA GLY C 102 18.61 8.20 16.47
C GLY C 102 19.82 7.51 17.06
N THR C 103 20.43 6.64 16.28
CA THR C 103 21.66 5.98 16.67
C THR C 103 22.61 6.03 15.48
N LYS C 104 23.71 6.74 15.63
CA LYS C 104 24.68 6.92 14.57
C LYS C 104 25.75 5.82 14.70
N VAL C 105 25.69 4.84 13.82
CA VAL C 105 26.74 3.85 13.71
C VAL C 105 27.81 4.41 12.79
N GLU C 106 29.05 4.45 13.26
CA GLU C 106 30.10 5.20 12.59
C GLU C 106 31.42 4.49 12.77
N ILE C 107 32.36 4.80 11.87
CA ILE C 107 33.58 4.01 11.75
C ILE C 107 34.55 4.36 12.87
N LYS C 108 35.05 3.33 13.53
CA LYS C 108 35.95 3.49 14.67
C LYS C 108 37.35 3.85 14.21
#